data_4UC0
#
_entry.id   4UC0
#
_cell.length_a   97.881
_cell.length_b   97.881
_cell.length_c   46.356
_cell.angle_alpha   90.000
_cell.angle_beta   90.000
_cell.angle_gamma   120.000
#
_symmetry.space_group_name_H-M   'P 63'
#
loop_
_entity.id
_entity.type
_entity.pdbx_description
1 polymer 'Purine nucleoside phosphorylase'
2 non-polymer HYPOXANTHINE
3 water water
#
_entity_poly.entity_id   1
_entity_poly.type   'polypeptide(L)'
_entity_poly.pdbx_seq_one_letter_code
;(MSE)HHHHHHSSGVDLGTENLYFQS(MSE)TPAVDLLIDRLNGLLPRIAIVLGSGLGGLVDEVENAVRIPFADIPGFPQ
GGVSGHAKELVAGLFAGQPII(MSE)LAGRVHYYEEGDAAA(MSE)RLPIETLASLGVTTLILTNAAGSLRAD(MSE)PP
GSV(MSE)QLIDHINFSGHNPLIGETGDGRFVG(MSE)TQAYDGELAEA(MSE)RRAADAEDISLSSGVY(MSE)WFSGP
SFETPAEIR(MSE)ARTLGADAVG(MSE)STVPEVILARFFGLKVAAASVITNYGAG(MSE)TGAELSHEETKD(MSE)A
PIGGRRLVAILKR(MSE)IVDGGADLG
;
_entity_poly.pdbx_strand_id   A
#
# COMPACT_ATOMS: atom_id res chain seq x y z
N PRO A 25 -1.28 0.25 24.17
CA PRO A 25 -2.37 -0.74 24.08
C PRO A 25 -2.15 -1.77 22.96
N ALA A 26 -2.32 -1.39 21.69
CA ALA A 26 -1.98 -2.29 20.57
C ALA A 26 -0.47 -2.34 20.40
N VAL A 27 0.14 -1.17 20.59
CA VAL A 27 1.58 -0.99 20.58
C VAL A 27 2.24 -1.94 21.57
N ASP A 28 1.72 -1.97 22.79
CA ASP A 28 2.23 -2.86 23.85
C ASP A 28 2.30 -4.32 23.42
N LEU A 29 1.21 -4.84 22.85
CA LEU A 29 1.15 -6.25 22.46
C LEU A 29 2.21 -6.56 21.41
N LEU A 30 2.26 -5.74 20.36
CA LEU A 30 3.17 -6.01 19.26
C LEU A 30 4.62 -5.98 19.69
N ILE A 31 4.95 -5.06 20.60
CA ILE A 31 6.29 -4.95 21.17
C ILE A 31 6.68 -6.25 21.86
N ASP A 32 5.80 -6.78 22.71
CA ASP A 32 6.04 -8.08 23.33
C ASP A 32 6.27 -9.11 22.24
N ARG A 33 5.35 -9.19 21.29
CA ARG A 33 5.40 -10.21 20.24
C ARG A 33 6.63 -10.20 19.32
N LEU A 34 7.25 -9.03 19.11
CA LEU A 34 8.28 -8.88 18.08
C LEU A 34 9.73 -9.30 18.42
N ASN A 35 9.96 -10.10 19.46
CA ASN A 35 11.35 -10.52 19.84
C ASN A 35 12.29 -9.36 20.13
N GLY A 36 11.80 -8.14 20.17
CA GLY A 36 12.68 -6.96 20.10
C GLY A 36 13.21 -6.68 18.69
N LEU A 37 12.35 -6.94 17.69
CA LEU A 37 12.66 -6.61 16.30
C LEU A 37 12.14 -5.19 16.07
N LEU A 38 12.88 -4.43 15.26
CA LEU A 38 12.66 -2.99 15.14
C LEU A 38 12.66 -2.59 13.68
N PRO A 39 11.55 -2.86 12.99
CA PRO A 39 11.44 -2.56 11.57
C PRO A 39 11.24 -1.06 11.29
N ARG A 40 11.83 -0.58 10.20
CA ARG A 40 11.65 0.81 9.74
C ARG A 40 10.62 0.89 8.64
N ILE A 41 10.28 -0.27 8.09
CA ILE A 41 9.47 -0.36 6.90
C ILE A 41 8.36 -1.36 7.16
N ALA A 42 7.17 -1.03 6.68
CA ALA A 42 6.02 -1.90 6.71
C ALA A 42 5.45 -1.93 5.31
N ILE A 43 4.85 -3.06 4.97
CA ILE A 43 4.28 -3.28 3.65
C ILE A 43 2.85 -3.76 3.81
N VAL A 44 1.92 -3.01 3.22
CA VAL A 44 0.53 -3.44 3.13
C VAL A 44 0.33 -4.20 1.81
N LEU A 45 0.03 -5.50 1.94
CA LEU A 45 -0.07 -6.42 0.79
C LEU A 45 -1.46 -6.46 0.16
N GLY A 46 -1.54 -6.12 -1.12
CA GLY A 46 -2.80 -6.21 -1.88
C GLY A 46 -3.05 -7.60 -2.43
N SER A 47 -4.24 -7.78 -2.99
CA SER A 47 -4.63 -9.05 -3.62
C SER A 47 -3.57 -9.49 -4.62
N GLY A 48 -3.16 -10.75 -4.50
CA GLY A 48 -2.09 -11.31 -5.32
C GLY A 48 -0.77 -11.41 -4.58
N LEU A 49 -0.52 -10.52 -3.62
CA LEU A 49 0.77 -10.48 -2.93
C LEU A 49 0.77 -11.10 -1.56
N GLY A 50 -0.40 -11.55 -1.10
CA GLY A 50 -0.52 -12.25 0.18
C GLY A 50 0.58 -13.28 0.46
N GLY A 51 1.04 -13.95 -0.59
CA GLY A 51 2.06 -15.01 -0.49
C GLY A 51 3.45 -14.57 -0.05
N LEU A 52 3.75 -13.28 -0.21
CA LEU A 52 5.03 -12.70 0.21
C LEU A 52 5.31 -12.88 1.70
N VAL A 53 4.24 -12.95 2.49
CA VAL A 53 4.33 -13.29 3.90
C VAL A 53 5.13 -14.57 4.17
N ASP A 54 5.09 -15.51 3.23
CA ASP A 54 5.84 -16.77 3.39
C ASP A 54 7.35 -16.59 3.28
N GLU A 55 7.84 -15.75 2.36
CA GLU A 55 9.29 -15.58 2.20
C GLU A 55 9.87 -14.52 3.16
N VAL A 56 9.78 -14.84 4.44
CA VAL A 56 10.13 -13.95 5.54
C VAL A 56 10.91 -14.76 6.58
N GLU A 57 12.22 -14.52 6.64
CA GLU A 57 13.09 -15.25 7.55
C GLU A 57 12.75 -14.89 9.00
N ASN A 58 12.92 -15.85 9.90
CA ASN A 58 12.58 -15.69 11.32
C ASN A 58 11.17 -15.16 11.56
N ALA A 59 10.23 -15.54 10.68
CA ALA A 59 8.90 -14.94 10.67
C ALA A 59 8.17 -15.07 12.02
N VAL A 60 7.38 -14.04 12.34
CA VAL A 60 6.52 -14.02 13.52
C VAL A 60 5.11 -13.59 13.07
N ARG A 61 4.20 -14.55 13.03
CA ARG A 61 2.85 -14.34 12.52
C ARG A 61 1.93 -14.01 13.66
N ILE A 62 1.16 -12.94 13.50
CA ILE A 62 0.22 -12.48 14.50
C ILE A 62 -1.11 -12.30 13.82
N PRO A 63 -2.14 -13.05 14.24
CA PRO A 63 -3.45 -12.83 13.63
C PRO A 63 -4.05 -11.50 14.07
N PHE A 64 -4.84 -10.88 13.19
CA PHE A 64 -5.48 -9.58 13.49
C PHE A 64 -6.36 -9.60 14.74
N ALA A 65 -7.04 -10.72 14.98
CA ALA A 65 -7.94 -10.88 16.12
C ALA A 65 -7.24 -10.88 17.49
N ASP A 66 -5.98 -11.33 17.51
CA ASP A 66 -5.17 -11.25 18.74
C ASP A 66 -4.86 -9.80 19.11
N ILE A 67 -4.77 -8.93 18.09
CA ILE A 67 -4.39 -7.54 18.31
C ILE A 67 -5.61 -6.72 18.69
N PRO A 68 -5.60 -6.13 19.89
CA PRO A 68 -6.80 -5.42 20.35
C PRO A 68 -7.00 -4.11 19.59
N GLY A 69 -8.20 -3.93 19.05
CA GLY A 69 -8.54 -2.72 18.31
C GLY A 69 -8.47 -2.89 16.80
N PHE A 70 -7.63 -3.80 16.32
CA PHE A 70 -7.48 -4.03 14.88
C PHE A 70 -8.82 -4.45 14.27
N PRO A 71 -9.10 -4.00 13.04
CA PRO A 71 -10.47 -4.03 12.48
C PRO A 71 -11.14 -5.42 12.42
N LYS A 80 -6.11 -12.36 7.06
CA LYS A 80 -5.88 -11.07 7.71
C LYS A 80 -4.84 -11.22 8.86
N GLU A 81 -3.57 -10.99 8.56
CA GLU A 81 -2.53 -11.13 9.56
C GLU A 81 -1.35 -10.17 9.42
N LEU A 82 -0.68 -10.01 10.55
CA LEU A 82 0.49 -9.17 10.66
C LEU A 82 1.68 -10.09 10.76
N VAL A 83 2.65 -9.90 9.88
CA VAL A 83 3.84 -10.75 9.86
C VAL A 83 5.11 -9.91 9.89
N ALA A 84 5.98 -10.20 10.84
CA ALA A 84 7.21 -9.44 10.99
C ALA A 84 8.40 -10.39 11.02
N GLY A 85 9.51 -9.95 10.43
CA GLY A 85 10.71 -10.78 10.34
C GLY A 85 11.74 -10.15 9.42
N LEU A 86 12.62 -10.97 8.85
CA LEU A 86 13.62 -10.48 7.93
C LEU A 86 13.18 -10.72 6.50
N PHE A 87 13.18 -9.66 5.70
CA PHE A 87 12.88 -9.77 4.28
C PHE A 87 13.93 -9.02 3.51
N ALA A 88 14.49 -9.68 2.51
CA ALA A 88 15.61 -9.13 1.77
C ALA A 88 16.68 -8.68 2.77
N GLY A 89 16.91 -9.53 3.78
CA GLY A 89 17.93 -9.28 4.80
C GLY A 89 17.78 -7.97 5.56
N GLN A 90 16.53 -7.60 5.84
CA GLN A 90 16.23 -6.33 6.50
C GLN A 90 14.93 -6.53 7.30
N PRO A 91 14.79 -5.90 8.48
CA PRO A 91 13.55 -6.10 9.28
C PRO A 91 12.29 -5.40 8.73
N ILE A 92 11.18 -6.14 8.66
CA ILE A 92 9.94 -5.67 8.04
C ILE A 92 8.70 -6.15 8.79
N ILE A 93 7.63 -5.38 8.75
CA ILE A 93 6.30 -5.81 9.11
C ILE A 93 5.48 -5.85 7.84
N LEU A 95 1.42 -6.41 6.42
CA LEU A 95 0.02 -6.68 6.62
C LEU A 95 -0.49 -7.48 5.45
N ALA A 96 -0.76 -8.76 5.69
CA ALA A 96 -1.45 -9.61 4.72
C ALA A 96 -2.92 -9.29 4.80
N GLY A 97 -3.39 -8.47 3.87
CA GLY A 97 -4.76 -8.01 3.88
C GLY A 97 -4.93 -6.60 4.45
N ARG A 98 -6.14 -6.10 4.23
CA ARG A 98 -6.55 -4.80 4.69
C ARG A 98 -8.07 -4.81 4.69
N VAL A 99 -8.66 -3.88 5.42
CA VAL A 99 -10.10 -3.68 5.39
C VAL A 99 -10.35 -2.50 4.47
N HIS A 100 -11.19 -2.71 3.47
CA HIS A 100 -11.52 -1.68 2.50
C HIS A 100 -12.70 -0.86 2.95
N TYR A 101 -12.77 0.36 2.42
CA TYR A 101 -13.90 1.24 2.66
C TYR A 101 -15.23 0.57 2.28
N TYR A 102 -15.24 -0.17 1.16
CA TYR A 102 -16.48 -0.82 0.70
C TYR A 102 -17.05 -1.90 1.61
N GLU A 103 -16.26 -2.43 2.54
CA GLU A 103 -16.67 -3.55 3.38
C GLU A 103 -17.71 -3.19 4.44
N GLU A 104 -17.42 -2.15 5.22
CA GLU A 104 -18.39 -1.65 6.21
C GLU A 104 -18.76 -0.16 6.02
N GLY A 105 -18.15 0.50 5.04
CA GLY A 105 -18.40 1.94 4.80
C GLY A 105 -17.60 2.80 5.75
N ASP A 106 -16.44 2.29 6.18
CA ASP A 106 -15.57 2.98 7.14
C ASP A 106 -14.21 3.22 6.48
N ALA A 107 -14.01 4.47 6.05
CA ALA A 107 -12.80 4.89 5.37
C ALA A 107 -11.57 4.93 6.31
N ALA A 108 -11.82 5.02 7.62
CA ALA A 108 -10.79 5.00 8.64
C ALA A 108 -10.61 3.61 9.25
N ALA A 109 -10.98 2.56 8.50
CA ALA A 109 -10.78 1.17 8.93
C ALA A 109 -9.34 0.92 9.34
N ARG A 111 -7.02 3.05 10.26
CA ARG A 111 -6.41 4.10 11.07
C ARG A 111 -5.57 3.52 12.19
N LEU A 112 -6.18 2.61 12.97
CA LEU A 112 -5.55 2.08 14.17
C LEU A 112 -4.27 1.28 13.84
N PRO A 113 -4.32 0.39 12.82
CA PRO A 113 -3.07 -0.28 12.43
C PRO A 113 -1.97 0.65 11.98
N ILE A 114 -2.30 1.65 11.17
CA ILE A 114 -1.30 2.59 10.65
C ILE A 114 -0.67 3.42 11.78
N GLU A 115 -1.50 3.86 12.71
CA GLU A 115 -1.02 4.51 13.92
C GLU A 115 -0.09 3.60 14.69
N THR A 116 -0.52 2.36 14.89
CA THR A 116 0.26 1.37 15.59
C THR A 116 1.62 1.15 14.93
N LEU A 117 1.64 1.02 13.61
CA LEU A 117 2.91 0.88 12.90
C LEU A 117 3.84 2.07 13.16
N ALA A 118 3.28 3.27 13.17
CA ALA A 118 4.07 4.48 13.42
C ALA A 118 4.70 4.43 14.79
N SER A 119 3.90 4.08 15.79
CA SER A 119 4.34 3.94 17.18
C SER A 119 5.37 2.84 17.39
N LEU A 120 5.51 1.93 16.44
CA LEU A 120 6.51 0.85 16.54
C LEU A 120 7.85 1.25 15.93
N GLY A 121 7.91 2.45 15.35
CA GLY A 121 9.15 2.96 14.79
C GLY A 121 9.25 2.81 13.29
N VAL A 122 8.15 2.41 12.64
CA VAL A 122 8.11 2.35 11.19
C VAL A 122 8.06 3.78 10.68
N THR A 123 8.94 4.09 9.73
CA THR A 123 9.06 5.42 9.15
C THR A 123 8.61 5.45 7.69
N THR A 124 8.52 4.26 7.08
CA THR A 124 8.22 4.15 5.66
C THR A 124 7.12 3.10 5.49
N LEU A 125 6.13 3.43 4.67
CA LEU A 125 5.02 2.54 4.36
C LEU A 125 4.96 2.30 2.85
N ILE A 126 4.97 1.05 2.44
CA ILE A 126 4.85 0.71 1.03
C ILE A 126 3.50 0.07 0.85
N LEU A 127 2.69 0.63 -0.03
CA LEU A 127 1.35 0.11 -0.25
C LEU A 127 1.27 -0.53 -1.61
N THR A 128 0.73 -1.72 -1.68
CA THR A 128 0.54 -2.35 -2.96
C THR A 128 -0.93 -2.64 -3.18
N ASN A 129 -1.34 -2.65 -4.45
CA ASN A 129 -2.71 -3.00 -4.77
C ASN A 129 -2.86 -3.62 -6.17
N ALA A 130 -4.08 -4.05 -6.46
CA ALA A 130 -4.51 -4.38 -7.80
C ALA A 130 -5.31 -3.20 -8.35
N ALA A 131 -5.15 -2.91 -9.64
CA ALA A 131 -5.85 -1.81 -10.27
C ALA A 131 -6.16 -2.12 -11.70
N GLY A 132 -7.12 -1.38 -12.25
CA GLY A 132 -7.42 -1.40 -13.66
C GLY A 132 -6.68 -0.30 -14.37
N SER A 133 -6.13 -0.61 -15.55
CA SER A 133 -5.39 0.35 -16.35
C SER A 133 -6.33 1.11 -17.24
N LEU A 134 -6.15 2.42 -17.35
CA LEU A 134 -6.88 3.21 -18.36
C LEU A 134 -6.04 3.51 -19.60
N ARG A 135 -4.86 2.86 -19.71
CA ARG A 135 -3.93 3.11 -20.82
C ARG A 135 -3.66 1.84 -21.58
N ALA A 136 -3.92 1.89 -22.88
CA ALA A 136 -3.53 0.82 -23.80
C ALA A 136 -2.10 0.36 -23.56
N ASP A 137 -1.20 1.34 -23.53
CA ASP A 137 0.23 1.12 -23.33
C ASP A 137 0.63 0.47 -22.00
N PRO A 139 -0.55 -2.71 -20.11
CA PRO A 139 -1.45 -3.85 -20.09
C PRO A 139 -1.48 -4.60 -18.75
N PRO A 140 -2.41 -5.55 -18.61
CA PRO A 140 -2.40 -6.45 -17.46
C PRO A 140 -1.04 -7.11 -17.26
N GLY A 141 -0.57 -7.17 -16.01
CA GLY A 141 0.72 -7.74 -15.68
C GLY A 141 1.79 -6.66 -15.53
N SER A 142 1.47 -5.44 -15.98
CA SER A 142 2.32 -4.28 -15.73
C SER A 142 2.24 -3.89 -14.27
N VAL A 143 3.30 -3.20 -13.86
CA VAL A 143 3.40 -2.61 -12.55
C VAL A 143 3.47 -1.09 -12.72
N GLN A 145 3.93 2.42 -10.35
CA GLN A 145 4.09 3.13 -9.10
C GLN A 145 3.19 4.35 -9.16
N LEU A 146 2.71 4.74 -7.98
CA LEU A 146 1.84 5.87 -7.83
C LEU A 146 2.70 7.07 -7.61
N ILE A 147 2.49 8.10 -8.41
CA ILE A 147 3.14 9.39 -8.16
C ILE A 147 2.15 10.41 -7.61
N ASP A 148 0.87 10.08 -7.68
CA ASP A 148 -0.20 10.93 -7.17
C ASP A 148 -1.50 10.14 -7.21
N HIS A 149 -2.55 10.68 -6.60
CA HIS A 149 -3.86 10.07 -6.67
C HIS A 149 -4.99 11.10 -6.73
N ILE A 150 -6.18 10.60 -7.02
CA ILE A 150 -7.41 11.35 -7.00
C ILE A 150 -8.43 10.58 -6.16
N ASN A 151 -8.92 11.17 -5.07
CA ASN A 151 -9.99 10.56 -4.34
C ASN A 151 -11.29 10.89 -5.04
N PHE A 152 -11.87 9.95 -5.76
CA PHE A 152 -13.10 10.28 -6.46
C PHE A 152 -14.36 10.03 -5.65
N SER A 153 -14.64 8.78 -5.32
CA SER A 153 -15.89 8.46 -4.61
C SER A 153 -15.60 7.80 -3.29
N GLY A 154 -14.38 8.01 -2.80
CA GLY A 154 -14.03 7.65 -1.45
C GLY A 154 -14.49 8.73 -0.49
N HIS A 155 -14.37 8.43 0.80
CA HIS A 155 -14.58 9.40 1.85
C HIS A 155 -13.25 9.63 2.51
N ASN A 156 -13.11 10.79 3.16
CA ASN A 156 -11.84 11.17 3.69
C ASN A 156 -11.70 10.52 5.07
N PRO A 157 -10.60 9.78 5.28
CA PRO A 157 -10.45 9.05 6.53
C PRO A 157 -10.25 9.93 7.75
N LEU A 158 -10.02 11.23 7.57
CA LEU A 158 -9.71 12.12 8.70
C LEU A 158 -10.91 12.93 9.15
N ILE A 159 -12.05 12.70 8.52
CA ILE A 159 -13.28 13.31 8.98
C ILE A 159 -13.52 12.84 10.41
N GLY A 160 -13.82 13.76 11.30
CA GLY A 160 -14.03 13.40 12.70
C GLY A 160 -12.77 13.42 13.54
N GLU A 161 -11.66 13.88 12.98
CA GLU A 161 -10.41 14.00 13.74
C GLU A 161 -10.29 15.42 14.33
N THR A 162 -9.55 15.56 15.43
CA THR A 162 -9.42 16.85 16.13
C THR A 162 -7.96 17.36 16.06
N GLY A 163 -7.76 18.65 16.31
CA GLY A 163 -6.41 19.25 16.24
C GLY A 163 -5.96 19.61 14.84
N ASP A 164 -4.95 20.49 14.75
CA ASP A 164 -4.50 21.06 13.45
C ASP A 164 -3.71 20.06 12.57
N GLY A 165 -3.25 18.97 13.18
CA GLY A 165 -2.58 17.90 12.44
C GLY A 165 -3.42 17.32 11.31
N ARG A 166 -4.75 17.44 11.41
CA ARG A 166 -5.65 16.92 10.37
C ARG A 166 -5.56 17.63 9.02
N PHE A 167 -5.08 18.87 9.01
CA PHE A 167 -4.95 19.60 7.75
C PHE A 167 -3.63 19.22 7.07
N VAL A 168 -3.61 18.01 6.54
CA VAL A 168 -2.39 17.42 6.04
C VAL A 168 -2.15 17.89 4.64
N GLY A 169 -0.96 18.44 4.39
CA GLY A 169 -0.55 18.80 3.05
C GLY A 169 -0.31 17.53 2.29
N THR A 171 0.93 17.63 -1.15
CA THR A 171 1.56 18.01 -2.41
C THR A 171 2.53 16.93 -2.92
N GLN A 172 3.27 16.32 -2.01
CA GLN A 172 4.15 15.22 -2.35
C GLN A 172 3.86 14.08 -1.37
N ALA A 173 2.65 13.54 -1.46
CA ALA A 173 2.24 12.42 -0.63
C ALA A 173 3.10 11.20 -0.95
N TYR A 174 3.43 11.02 -2.23
CA TYR A 174 4.28 9.93 -2.67
C TYR A 174 5.73 10.40 -2.68
N ASP A 175 6.49 9.96 -1.68
CA ASP A 175 7.83 10.45 -1.44
C ASP A 175 8.70 10.37 -2.69
N GLY A 176 9.33 11.48 -3.05
CA GLY A 176 10.17 11.56 -4.24
C GLY A 176 11.41 10.69 -4.17
N GLU A 177 12.04 10.62 -3.00
CA GLU A 177 13.25 9.79 -2.82
C GLU A 177 12.91 8.31 -2.95
N LEU A 178 11.86 7.86 -2.28
CA LEU A 178 11.39 6.49 -2.44
C LEU A 178 10.92 6.15 -3.87
N ALA A 179 10.31 7.09 -4.57
CA ALA A 179 9.80 6.79 -5.92
C ALA A 179 10.96 6.56 -6.90
N GLU A 180 12.04 7.34 -6.69
CA GLU A 180 13.29 7.19 -7.44
C GLU A 180 14.01 5.87 -7.18
N ALA A 181 14.18 5.54 -5.91
CA ALA A 181 14.76 4.25 -5.51
C ALA A 181 14.04 3.05 -6.16
N ARG A 183 12.23 3.14 -8.91
CA ARG A 183 12.59 3.24 -10.33
C ARG A 183 13.99 2.68 -10.59
N ARG A 184 14.96 3.08 -9.77
CA ARG A 184 16.32 2.55 -9.93
C ARG A 184 16.35 1.03 -9.75
N ALA A 185 15.60 0.51 -8.78
CA ALA A 185 15.57 -0.93 -8.53
C ALA A 185 14.96 -1.70 -9.72
N ALA A 186 13.89 -1.14 -10.29
CA ALA A 186 13.26 -1.74 -11.48
C ALA A 186 14.24 -1.82 -12.64
N ASP A 187 14.90 -0.71 -12.95
CA ASP A 187 15.95 -0.70 -13.99
C ASP A 187 17.10 -1.71 -13.74
N ALA A 188 17.48 -1.90 -12.48
CA ALA A 188 18.55 -2.86 -12.14
C ALA A 188 18.13 -4.31 -12.39
N GLU A 189 16.86 -4.60 -12.15
CA GLU A 189 16.27 -5.91 -12.41
C GLU A 189 15.81 -6.02 -13.87
N ASP A 190 15.76 -4.89 -14.55
CA ASP A 190 15.34 -4.81 -15.95
C ASP A 190 13.85 -5.15 -16.08
N ILE A 191 13.06 -4.61 -15.16
CA ILE A 191 11.62 -4.76 -15.18
C ILE A 191 11.06 -3.40 -15.55
N SER A 192 10.00 -3.37 -16.36
CA SER A 192 9.32 -2.13 -16.67
C SER A 192 8.49 -1.69 -15.46
N LEU A 193 8.59 -0.40 -15.15
CA LEU A 193 7.82 0.20 -14.08
C LEU A 193 7.17 1.43 -14.68
N SER A 194 5.85 1.40 -14.83
CA SER A 194 5.12 2.58 -15.26
C SER A 194 4.95 3.54 -14.08
N SER A 195 4.52 4.77 -14.38
CA SER A 195 4.27 5.79 -13.38
C SER A 195 2.97 6.50 -13.72
N GLY A 196 2.20 6.88 -12.71
CA GLY A 196 0.93 7.51 -12.97
C GLY A 196 0.08 7.83 -11.76
N VAL A 197 -1.13 8.28 -12.07
CA VAL A 197 -2.11 8.74 -11.10
C VAL A 197 -3.20 7.68 -10.92
N TYR A 198 -3.42 7.30 -9.67
CA TYR A 198 -4.44 6.34 -9.28
C TYR A 198 -5.69 7.07 -8.79
N TRP A 200 -9.28 6.67 -6.83
CA TRP A 200 -9.98 5.82 -5.90
C TRP A 200 -11.50 5.93 -6.09
N PHE A 201 -12.14 4.81 -6.42
CA PHE A 201 -13.63 4.61 -6.39
C PHE A 201 -13.99 3.72 -5.20
N SER A 202 -15.10 4.01 -4.52
CA SER A 202 -15.52 3.22 -3.38
C SER A 202 -15.65 1.71 -3.66
N GLY A 203 -16.20 1.36 -4.82
CA GLY A 203 -16.63 -0.02 -5.10
C GLY A 203 -17.84 -0.35 -4.23
N PRO A 204 -18.20 -1.63 -4.08
CA PRO A 204 -17.44 -2.80 -4.54
C PRO A 204 -17.76 -3.22 -5.99
N SER A 205 -18.88 -2.76 -6.54
CA SER A 205 -19.11 -2.99 -7.96
C SER A 205 -18.08 -2.22 -8.79
N PHE A 206 -17.76 -2.75 -9.96
CA PHE A 206 -16.76 -2.13 -10.83
C PHE A 206 -17.36 -0.93 -11.57
N GLU A 207 -16.52 -0.21 -12.29
CA GLU A 207 -16.92 0.99 -12.99
C GLU A 207 -17.58 0.68 -14.34
N THR A 208 -18.49 1.55 -14.78
CA THR A 208 -19.11 1.47 -16.10
C THR A 208 -18.14 2.05 -17.12
N PRO A 209 -18.34 1.76 -18.41
CA PRO A 209 -17.45 2.33 -19.42
C PRO A 209 -17.43 3.84 -19.37
N ALA A 210 -18.60 4.44 -19.10
CA ALA A 210 -18.69 5.90 -19.02
C ALA A 210 -17.91 6.46 -17.83
N GLU A 211 -17.95 5.78 -16.68
CA GLU A 211 -17.15 6.17 -15.51
C GLU A 211 -15.64 6.07 -15.81
N ILE A 212 -15.25 5.06 -16.56
CA ILE A 212 -13.87 4.92 -17.00
C ILE A 212 -13.48 6.04 -17.98
N ARG A 213 -14.35 6.42 -18.90
CA ARG A 213 -14.05 7.53 -19.80
C ARG A 213 -13.85 8.80 -19.00
N ALA A 215 -12.93 8.99 -15.70
CA ALA A 215 -11.68 8.86 -14.94
C ALA A 215 -10.47 9.32 -15.74
N ARG A 216 -10.38 8.85 -16.98
CA ARG A 216 -9.35 9.32 -17.89
C ARG A 216 -9.44 10.82 -18.15
N THR A 217 -10.63 11.32 -18.44
CA THR A 217 -10.83 12.74 -18.67
C THR A 217 -10.39 13.56 -17.45
N LEU A 218 -10.54 12.99 -16.27
CA LEU A 218 -10.13 13.66 -15.05
C LEU A 218 -8.63 13.53 -14.75
N GLY A 219 -7.92 12.70 -15.50
CA GLY A 219 -6.47 12.63 -15.44
C GLY A 219 -5.89 11.38 -14.79
N ALA A 220 -6.68 10.34 -14.56
CA ALA A 220 -6.16 9.15 -13.93
C ALA A 220 -5.52 8.23 -14.96
N ASP A 221 -4.61 7.37 -14.52
CA ASP A 221 -3.97 6.35 -15.34
C ASP A 221 -4.46 4.97 -14.94
N ALA A 222 -4.91 4.83 -13.69
CA ALA A 222 -5.43 3.57 -13.17
C ALA A 222 -6.49 3.84 -12.13
N VAL A 223 -7.39 2.88 -11.96
CA VAL A 223 -8.48 3.00 -10.98
C VAL A 223 -8.54 1.82 -10.03
N GLY A 224 -9.02 2.08 -8.82
CA GLY A 224 -9.22 1.03 -7.86
C GLY A 224 -9.99 1.47 -6.64
N SER A 226 -8.87 0.98 -3.35
CA SER A 226 -8.05 0.90 -2.15
C SER A 226 -6.94 1.93 -2.10
N THR A 227 -6.10 1.82 -1.06
CA THR A 227 -4.79 2.48 -0.95
C THR A 227 -4.82 3.96 -0.55
N VAL A 228 -5.66 4.74 -1.22
CA VAL A 228 -5.68 6.19 -1.02
C VAL A 228 -5.98 6.58 0.43
N PRO A 229 -6.95 5.93 1.08
CA PRO A 229 -7.22 6.33 2.45
C PRO A 229 -6.07 6.02 3.39
N GLU A 230 -5.30 4.98 3.10
CA GLU A 230 -4.13 4.63 3.89
C GLU A 230 -2.97 5.57 3.62
N VAL A 231 -2.90 6.10 2.41
CA VAL A 231 -1.87 7.11 2.10
C VAL A 231 -2.14 8.37 2.93
N ILE A 232 -3.40 8.82 2.93
CA ILE A 232 -3.81 9.99 3.70
C ILE A 232 -3.49 9.80 5.20
N LEU A 233 -3.92 8.66 5.74
CA LEU A 233 -3.65 8.36 7.15
C LEU A 233 -2.16 8.29 7.45
N ALA A 234 -1.38 7.72 6.53
CA ALA A 234 0.06 7.63 6.69
C ALA A 234 0.69 9.01 6.78
N ARG A 235 0.30 9.89 5.87
CA ARG A 235 0.83 11.25 5.85
C ARG A 235 0.40 11.98 7.10
N PHE A 236 -0.81 11.69 7.56
CA PHE A 236 -1.29 12.24 8.85
C PHE A 236 -0.39 11.81 10.00
N PHE A 237 0.10 10.59 9.94
CA PHE A 237 0.95 10.06 11.01
C PHE A 237 2.45 10.30 10.74
N GLY A 238 2.78 11.13 9.77
CA GLY A 238 4.18 11.45 9.47
C GLY A 238 5.00 10.38 8.75
N LEU A 239 4.38 9.32 8.21
CA LEU A 239 5.12 8.28 7.51
C LEU A 239 5.40 8.69 6.07
N LYS A 240 6.59 8.34 5.58
CA LYS A 240 6.87 8.49 4.16
C LYS A 240 6.17 7.36 3.44
N VAL A 241 5.67 7.65 2.25
CA VAL A 241 4.86 6.70 1.49
C VAL A 241 5.41 6.39 0.08
N ALA A 242 5.48 5.09 -0.24
CA ALA A 242 5.55 4.62 -1.62
C ALA A 242 4.39 3.66 -1.91
N ALA A 243 3.91 3.66 -3.16
CA ALA A 243 2.84 2.77 -3.55
C ALA A 243 3.00 2.27 -4.97
N ALA A 244 2.42 1.09 -5.21
CA ALA A 244 2.45 0.54 -6.53
C ALA A 244 1.26 -0.37 -6.72
N SER A 245 0.73 -0.34 -7.93
CA SER A 245 -0.38 -1.16 -8.36
C SER A 245 0.11 -2.21 -9.31
N VAL A 246 -0.44 -3.42 -9.14
CA VAL A 246 -0.36 -4.42 -10.17
C VAL A 246 -1.61 -4.24 -11.05
N ILE A 247 -1.40 -4.13 -12.36
CA ILE A 247 -2.47 -4.04 -13.31
C ILE A 247 -3.00 -5.41 -13.62
N THR A 248 -4.26 -5.66 -13.26
CA THR A 248 -4.89 -6.95 -13.51
C THR A 248 -5.83 -6.97 -14.72
N ASN A 249 -6.24 -5.80 -15.20
CA ASN A 249 -7.23 -5.75 -16.26
C ASN A 249 -7.25 -4.38 -16.84
N TYR A 250 -7.75 -4.26 -18.07
CA TYR A 250 -8.08 -2.95 -18.62
C TYR A 250 -9.39 -2.51 -17.98
N GLY A 251 -9.56 -1.20 -17.89
CA GLY A 251 -10.78 -0.62 -17.37
C GLY A 251 -11.93 -0.93 -18.28
N ALA A 252 -13.12 -1.00 -17.69
CA ALA A 252 -14.34 -1.40 -18.38
C ALA A 252 -14.59 -0.58 -19.64
N GLY A 253 -15.05 -1.26 -20.69
CA GLY A 253 -15.32 -0.62 -21.95
C GLY A 253 -14.13 -0.60 -22.87
N THR A 255 -12.01 -3.20 -23.39
CA THR A 255 -12.55 -4.40 -24.08
C THR A 255 -14.03 -4.14 -24.36
N ASP A 266 -4.80 -14.98 -16.79
CA ASP A 266 -4.61 -14.09 -15.65
C ASP A 266 -3.15 -13.64 -15.56
N ALA A 268 -2.25 -11.29 -13.11
CA ALA A 268 -2.04 -10.81 -11.73
C ALA A 268 -0.85 -11.46 -10.97
N PRO A 269 -0.63 -12.76 -11.19
CA PRO A 269 0.52 -13.41 -10.56
C PRO A 269 1.90 -12.94 -11.03
N ILE A 270 2.10 -12.77 -12.35
CA ILE A 270 3.41 -12.35 -12.82
C ILE A 270 3.59 -10.87 -12.51
N GLY A 271 2.52 -10.10 -12.66
CA GLY A 271 2.50 -8.73 -12.15
C GLY A 271 3.02 -8.64 -10.73
N GLY A 272 2.53 -9.51 -9.85
CA GLY A 272 2.97 -9.51 -8.46
C GLY A 272 4.41 -9.94 -8.24
N ARG A 273 4.85 -10.94 -8.99
CA ARG A 273 6.24 -11.37 -8.95
C ARG A 273 7.21 -10.29 -9.44
N ARG A 274 6.80 -9.55 -10.48
CA ARG A 274 7.54 -8.36 -10.92
C ARG A 274 7.67 -7.33 -9.78
N LEU A 275 6.55 -6.96 -9.16
CA LEU A 275 6.56 -6.01 -8.05
C LEU A 275 7.41 -6.48 -6.86
N VAL A 276 7.24 -7.72 -6.44
CA VAL A 276 8.07 -8.32 -5.40
C VAL A 276 9.57 -8.20 -5.73
N ALA A 277 9.94 -8.44 -6.99
CA ALA A 277 11.36 -8.34 -7.41
C ALA A 277 11.89 -6.90 -7.30
N ILE A 278 11.05 -5.92 -7.67
CA ILE A 278 11.43 -4.52 -7.53
C ILE A 278 11.62 -4.15 -6.07
N LEU A 279 10.63 -4.52 -5.25
CA LEU A 279 10.68 -4.31 -3.80
C LEU A 279 11.92 -4.93 -3.13
N LYS A 280 12.15 -6.22 -3.37
CA LYS A 280 13.33 -6.91 -2.83
C LYS A 280 14.62 -6.20 -3.20
N ARG A 281 14.80 -5.93 -4.48
CA ARG A 281 15.95 -5.18 -4.96
C ARG A 281 16.02 -3.79 -4.32
N ILE A 283 14.96 -2.86 -1.40
CA ILE A 283 15.29 -2.95 0.01
C ILE A 283 16.75 -3.40 0.22
N VAL A 284 17.23 -4.41 -0.50
CA VAL A 284 18.65 -4.81 -0.38
C VAL A 284 19.62 -3.67 -0.67
N ASP A 285 19.31 -2.85 -1.68
CA ASP A 285 20.15 -1.70 -2.03
C ASP A 285 20.08 -0.56 -1.01
N GLY A 286 19.03 -0.51 -0.19
CA GLY A 286 18.90 0.51 0.87
C GLY A 286 19.33 0.04 2.26
N GLY A 287 20.44 0.59 2.74
CA GLY A 287 20.89 0.34 4.13
C GLY A 287 20.04 1.14 5.12
N ALA A 288 19.96 2.45 4.89
CA ALA A 288 19.07 3.35 5.61
C ALA A 288 17.92 3.77 4.70
N ASP A 289 16.90 2.90 4.64
CA ASP A 289 15.78 3.07 3.72
C ASP A 289 14.50 3.22 4.53
#